data_7K38
#
_entry.id   7K38
#
_cell.length_a   87.089
_cell.length_b   71.820
_cell.length_c   48.794
_cell.angle_alpha   90.000
_cell.angle_beta   117.300
_cell.angle_gamma   90.000
#
_symmetry.space_group_name_H-M   'C 1 2 1'
#
loop_
_entity.id
_entity.type
_entity.pdbx_description
1 polymer 'PsKAI2B protein'
2 non-polymer (5S)-5-hydroxy-3-methylfuran-2(5H)-one
3 water water
#
_entity_poly.entity_id   1
_entity_poly.type   'polypeptide(L)'
_entity_poly.pdbx_seq_one_letter_code
;MGIVEEAHNVKVLGTGSRFIVLAHGFGTDQSVWKHLVPHLLEEFRVILYDNMGAGTTNPDYFDFERYSTLEGYAYDLLAI
LQELRVDSCIFVGHSVSAMIGTVASISRPDLFAKIIMISASPRYLNDSNYFGGFEQEDLDQLFNAMASNYKAWCSGFAPM
AIGGDMESVAVQEFSRTLFNMRPDIALSVLQTIFKSDMRQILCLVSVPCHIIQSMKDLAVPVVVAEYLHQHVGTESIVEV
MSTEGHLPQLSSPDVVIPVILKHIRYDIVA
;
_entity_poly.pdbx_strand_id   A
#
loop_
_chem_comp.id
_chem_comp.type
_chem_comp.name
_chem_comp.formula
VTY non-polymer (5S)-5-hydroxy-3-methylfuran-2(5H)-one 'C5 H6 O3'
#
# COMPACT_ATOMS: atom_id res chain seq x y z
N MET A 1 7.11 -22.36 -11.43
CA MET A 1 7.07 -20.91 -11.23
C MET A 1 8.40 -20.25 -11.57
N GLY A 2 8.32 -19.06 -12.14
CA GLY A 2 9.53 -18.27 -12.34
C GLY A 2 10.19 -17.90 -11.03
N ILE A 3 11.44 -17.46 -11.15
CA ILE A 3 12.24 -17.11 -9.97
C ILE A 3 11.63 -15.91 -9.25
N VAL A 4 11.14 -14.94 -9.98
CA VAL A 4 10.50 -13.74 -9.42
C VAL A 4 9.15 -14.06 -8.72
N GLU A 5 8.33 -14.85 -9.38
CA GLU A 5 7.04 -15.30 -8.90
C GLU A 5 7.15 -15.98 -7.54
N GLU A 6 8.08 -16.89 -7.46
CA GLU A 6 8.31 -17.58 -6.26
C GLU A 6 8.77 -16.69 -5.16
N ALA A 7 9.71 -15.81 -5.44
CA ALA A 7 10.28 -14.98 -4.39
C ALA A 7 9.26 -14.05 -3.75
N HIS A 8 8.26 -13.60 -4.51
CA HIS A 8 7.23 -12.68 -4.03
C HIS A 8 5.89 -13.38 -3.75
N ASN A 9 5.87 -14.71 -3.72
CA ASN A 9 4.63 -15.45 -3.45
C ASN A 9 3.52 -15.04 -4.42
N VAL A 10 3.89 -14.86 -5.70
CA VAL A 10 2.95 -14.33 -6.68
C VAL A 10 1.84 -15.34 -6.93
N LYS A 11 0.60 -14.85 -6.96
CA LYS A 11 -0.56 -15.63 -7.36
C LYS A 11 -1.27 -14.90 -8.50
N VAL A 12 -1.80 -15.67 -9.46
CA VAL A 12 -2.58 -15.11 -10.56
C VAL A 12 -3.91 -15.86 -10.61
N LEU A 13 -4.98 -15.20 -10.20
CA LEU A 13 -6.27 -15.84 -10.02
C LEU A 13 -7.28 -15.27 -11.00
N GLY A 14 -8.39 -16.00 -11.16
CA GLY A 14 -9.49 -15.57 -12.00
C GLY A 14 -9.34 -15.98 -13.46
N THR A 15 -10.36 -15.66 -14.25
CA THR A 15 -10.41 -16.10 -15.64
C THR A 15 -10.66 -14.96 -16.62
N GLY A 16 -10.56 -13.71 -16.19
CA GLY A 16 -10.77 -12.58 -17.07
C GLY A 16 -9.64 -12.38 -18.05
N SER A 17 -9.82 -11.38 -18.92
CA SER A 17 -8.78 -11.02 -19.87
C SER A 17 -7.87 -9.91 -19.33
N ARG A 18 -8.46 -8.91 -18.67
CA ARG A 18 -7.71 -7.77 -18.18
C ARG A 18 -7.00 -8.10 -16.87
N PHE A 19 -5.88 -7.44 -16.63
CA PHE A 19 -5.11 -7.64 -15.41
C PHE A 19 -5.47 -6.58 -14.36
N ILE A 20 -5.46 -7.01 -13.11
CA ILE A 20 -5.52 -6.08 -11.98
C ILE A 20 -4.50 -6.54 -10.95
N VAL A 21 -3.69 -5.62 -10.47
CA VAL A 21 -2.61 -5.92 -9.54
C VAL A 21 -2.96 -5.35 -8.19
N LEU A 22 -2.94 -6.18 -7.16
CA LEU A 22 -3.23 -5.76 -5.79
C LEU A 22 -1.94 -5.85 -4.98
N ALA A 23 -1.51 -4.70 -4.45
CA ALA A 23 -0.23 -4.55 -3.75
C ALA A 23 -0.49 -4.07 -2.33
N HIS A 24 0.01 -4.81 -1.34
CA HIS A 24 -0.31 -4.59 0.05
C HIS A 24 0.63 -3.59 0.71
N GLY A 25 0.21 -3.11 1.91
CA GLY A 25 0.97 -2.14 2.66
C GLY A 25 1.84 -2.78 3.75
N PHE A 26 2.46 -1.91 4.54
CA PHE A 26 3.38 -2.36 5.58
C PHE A 26 2.67 -3.22 6.60
N GLY A 27 3.37 -4.24 7.10
CA GLY A 27 2.84 -5.01 8.20
C GLY A 27 1.89 -6.11 7.81
N THR A 28 1.40 -6.13 6.57
CA THR A 28 0.48 -7.18 6.14
C THR A 28 1.03 -7.92 4.93
N ASP A 29 0.18 -8.62 4.19
CA ASP A 29 0.62 -9.31 2.98
C ASP A 29 -0.57 -9.37 2.05
N GLN A 30 -0.46 -10.19 0.99
CA GLN A 30 -1.50 -10.20 -0.02
C GLN A 30 -2.84 -10.66 0.55
N SER A 31 -2.85 -11.28 1.74
CA SER A 31 -4.10 -11.67 2.39
C SER A 31 -4.96 -10.49 2.80
N VAL A 32 -4.40 -9.27 2.81
CA VAL A 32 -5.21 -8.09 3.09
C VAL A 32 -6.33 -7.92 2.08
N TRP A 33 -6.18 -8.46 0.87
CA TRP A 33 -7.15 -8.34 -0.21
C TRP A 33 -8.20 -9.44 -0.19
N LYS A 34 -8.22 -10.26 0.86
CA LYS A 34 -9.06 -11.46 0.86
C LYS A 34 -10.53 -11.16 0.60
N HIS A 35 -11.04 -10.03 1.09
CA HIS A 35 -12.45 -9.72 0.89
C HIS A 35 -12.73 -9.17 -0.50
N LEU A 36 -11.73 -8.66 -1.18
CA LEU A 36 -11.93 -8.05 -2.50
C LEU A 36 -11.83 -9.07 -3.63
N VAL A 37 -10.89 -10.01 -3.53
CA VAL A 37 -10.56 -10.92 -4.64
C VAL A 37 -11.77 -11.68 -5.20
N PRO A 38 -12.68 -12.21 -4.38
CA PRO A 38 -13.79 -13.01 -4.96
C PRO A 38 -14.65 -12.21 -5.94
N HIS A 39 -14.66 -10.89 -5.86
CA HIS A 39 -15.47 -10.07 -6.74
C HIS A 39 -14.80 -9.72 -8.05
N LEU A 40 -13.53 -10.11 -8.23
CA LEU A 40 -12.78 -9.78 -9.42
C LEU A 40 -12.48 -10.97 -10.31
N LEU A 41 -12.83 -12.19 -9.89
CA LEU A 41 -12.35 -13.40 -10.57
C LEU A 41 -12.93 -13.57 -11.97
N GLU A 42 -14.15 -13.12 -12.16
CA GLU A 42 -14.84 -13.22 -13.45
C GLU A 42 -14.39 -12.13 -14.42
N GLU A 43 -14.21 -10.90 -13.97
CA GLU A 43 -13.77 -9.83 -14.85
C GLU A 43 -12.28 -9.73 -15.16
N PHE A 44 -11.44 -10.21 -14.29
CA PHE A 44 -10.02 -10.06 -14.43
C PHE A 44 -9.19 -11.28 -14.13
N ARG A 45 -7.89 -11.11 -14.35
CA ARG A 45 -6.86 -12.00 -13.95
C ARG A 45 -6.23 -11.16 -12.85
N VAL A 46 -6.31 -11.63 -11.63
CA VAL A 46 -5.90 -10.92 -10.44
C VAL A 46 -4.47 -11.33 -10.09
N ILE A 47 -3.55 -10.36 -10.03
CA ILE A 47 -2.17 -10.59 -9.64
C ILE A 47 -1.99 -10.15 -8.19
N LEU A 48 -1.67 -11.09 -7.31
CA LEU A 48 -1.31 -10.81 -5.93
C LEU A 48 0.18 -11.06 -5.76
N TYR A 49 0.84 -10.23 -4.94
CA TYR A 49 2.24 -10.47 -4.60
C TYR A 49 2.54 -9.87 -3.24
N ASP A 50 3.62 -10.35 -2.65
CA ASP A 50 4.09 -9.89 -1.35
C ASP A 50 5.34 -9.03 -1.55
N ASN A 51 5.43 -7.95 -0.78
CA ASN A 51 6.62 -7.11 -0.83
C ASN A 51 7.78 -7.80 -0.12
N MET A 52 8.97 -7.66 -0.68
CA MET A 52 10.15 -8.10 0.03
C MET A 52 10.19 -7.46 1.40
N GLY A 53 10.41 -8.29 2.43
CA GLY A 53 10.40 -7.84 3.80
C GLY A 53 9.15 -8.21 4.56
N ALA A 54 8.05 -8.51 3.87
CA ALA A 54 6.90 -9.10 4.55
C ALA A 54 7.30 -10.41 5.22
N GLY A 55 6.58 -10.75 6.30
CA GLY A 55 6.85 -11.97 7.04
C GLY A 55 6.70 -13.24 6.23
N THR A 56 5.96 -13.20 5.13
CA THR A 56 5.80 -14.34 4.21
C THR A 56 6.97 -14.51 3.24
N THR A 57 7.91 -13.58 3.19
CA THR A 57 9.05 -13.65 2.27
C THR A 57 10.31 -14.07 3.01
N ASN A 58 11.29 -14.53 2.24
CA ASN A 58 12.54 -15.03 2.79
C ASN A 58 13.38 -13.86 3.29
N PRO A 59 13.72 -13.79 4.58
CA PRO A 59 14.47 -12.63 5.07
C PRO A 59 15.86 -12.48 4.45
N ASP A 60 16.45 -13.56 3.93
CA ASP A 60 17.74 -13.47 3.26
C ASP A 60 17.66 -12.73 1.94
N TYR A 61 16.47 -12.53 1.38
CA TYR A 61 16.37 -11.71 0.18
C TYR A 61 16.31 -10.22 0.51
N PHE A 62 16.18 -9.83 1.78
CA PHE A 62 16.01 -8.41 2.09
C PHE A 62 17.37 -7.72 2.08
N ASP A 63 17.59 -6.92 1.03
CA ASP A 63 18.83 -6.22 0.77
C ASP A 63 18.63 -4.79 1.26
N PHE A 64 19.26 -4.47 2.40
CA PHE A 64 18.96 -3.21 3.08
C PHE A 64 19.33 -1.99 2.22
N GLU A 65 20.33 -2.14 1.37
CA GLU A 65 20.68 -1.05 0.47
C GLU A 65 19.61 -0.89 -0.62
N ARG A 66 19.17 -2.01 -1.21
CA ARG A 66 18.17 -1.95 -2.27
C ARG A 66 16.89 -1.27 -1.80
N TYR A 67 16.44 -1.56 -0.60
CA TYR A 67 15.16 -1.07 -0.12
C TYR A 67 15.28 0.15 0.77
N SER A 68 16.47 0.76 0.82
CA SER A 68 16.62 2.03 1.53
C SER A 68 15.80 3.15 0.89
N THR A 69 15.33 2.97 -0.33
CA THR A 69 14.42 3.94 -0.93
C THR A 69 13.27 3.18 -1.59
N LEU A 70 12.15 3.88 -1.80
CA LEU A 70 10.99 3.20 -2.37
C LEU A 70 11.27 2.73 -3.80
N GLU A 71 12.22 3.35 -4.48
CA GLU A 71 12.60 2.92 -5.80
C GLU A 71 12.92 1.45 -5.84
N GLY A 72 13.58 0.93 -4.82
CA GLY A 72 13.89 -0.49 -4.78
C GLY A 72 12.65 -1.36 -4.90
N TYR A 73 11.58 -1.00 -4.20
CA TYR A 73 10.32 -1.73 -4.33
C TYR A 73 9.70 -1.54 -5.71
N ALA A 74 9.87 -0.36 -6.32
CA ALA A 74 9.31 -0.14 -7.64
C ALA A 74 9.97 -1.03 -8.66
N TYR A 75 11.29 -1.25 -8.53
CA TYR A 75 11.98 -2.18 -9.42
C TYR A 75 11.43 -3.60 -9.28
N ASP A 76 11.10 -4.03 -8.06
CA ASP A 76 10.52 -5.36 -7.87
C ASP A 76 9.19 -5.48 -8.61
N LEU A 77 8.33 -4.47 -8.48
CA LEU A 77 7.04 -4.47 -9.16
C LEU A 77 7.19 -4.57 -10.67
N LEU A 78 8.08 -3.75 -11.24
CA LEU A 78 8.33 -3.84 -12.68
C LEU A 78 8.81 -5.25 -13.05
N ALA A 79 9.75 -5.81 -12.28
CA ALA A 79 10.22 -7.17 -12.54
C ALA A 79 9.08 -8.18 -12.53
N ILE A 80 8.17 -8.03 -11.58
CA ILE A 80 7.02 -8.94 -11.54
C ILE A 80 6.17 -8.75 -12.78
N LEU A 81 5.93 -7.50 -13.17
CA LEU A 81 5.04 -7.26 -14.31
C LEU A 81 5.66 -7.77 -15.61
N GLN A 82 6.96 -7.76 -15.70
CA GLN A 82 7.69 -8.23 -16.85
C GLN A 82 7.64 -9.73 -16.94
N GLU A 83 8.02 -10.41 -15.86
CA GLU A 83 8.01 -11.86 -15.82
C GLU A 83 6.63 -12.43 -16.13
N LEU A 84 5.58 -11.72 -15.73
CA LEU A 84 4.26 -12.17 -15.97
C LEU A 84 3.76 -11.77 -17.35
N ARG A 85 4.45 -10.88 -17.99
CA ARG A 85 4.09 -10.39 -19.34
C ARG A 85 2.77 -9.64 -19.36
N VAL A 86 2.57 -8.77 -18.35
CA VAL A 86 1.43 -7.86 -18.31
C VAL A 86 1.56 -6.84 -19.44
N ASP A 87 0.47 -6.63 -20.19
CA ASP A 87 0.46 -5.52 -21.15
C ASP A 87 0.10 -4.21 -20.46
N SER A 88 -0.97 -4.26 -19.70
CA SER A 88 -1.41 -3.18 -18.90
C SER A 88 -2.25 -3.74 -17.79
N CYS A 89 -2.32 -3.00 -16.71
CA CYS A 89 -3.08 -3.40 -15.60
C CYS A 89 -3.69 -2.24 -14.91
N ILE A 90 -4.61 -2.54 -14.04
CA ILE A 90 -5.16 -1.59 -13.13
C ILE A 90 -4.33 -1.96 -11.90
N PHE A 91 -3.74 -0.99 -11.23
CA PHE A 91 -2.91 -1.17 -10.05
C PHE A 91 -3.63 -0.61 -8.84
N VAL A 92 -3.82 -1.44 -7.82
CA VAL A 92 -4.38 -1.05 -6.54
C VAL A 92 -3.27 -1.17 -5.51
N GLY A 93 -2.76 -0.03 -5.05
CA GLY A 93 -1.69 0.00 -4.06
C GLY A 93 -2.21 0.50 -2.73
N HIS A 94 -1.97 -0.30 -1.72
CA HIS A 94 -2.31 -0.01 -0.36
C HIS A 94 -1.09 0.58 0.40
N SER A 95 -1.34 1.63 1.14
CA SER A 95 -0.34 2.35 1.91
C SER A 95 0.89 2.65 1.07
N VAL A 96 2.05 2.19 1.49
CA VAL A 96 3.25 2.43 0.75
C VAL A 96 3.22 1.95 -0.68
N SER A 97 2.47 0.90 -0.93
CA SER A 97 2.39 0.40 -2.30
C SER A 97 1.75 1.39 -3.25
N ALA A 98 0.90 2.29 -2.75
CA ALA A 98 0.41 3.39 -3.59
C ALA A 98 1.57 4.17 -4.19
N MET A 99 2.53 4.56 -3.36
CA MET A 99 3.66 5.33 -3.87
C MET A 99 4.61 4.46 -4.67
N ILE A 100 4.71 3.17 -4.34
CA ILE A 100 5.58 2.29 -5.10
C ILE A 100 5.08 2.16 -6.54
N GLY A 101 3.77 1.98 -6.71
CA GLY A 101 3.22 1.91 -8.05
C GLY A 101 3.30 3.24 -8.78
N THR A 102 3.17 4.36 -8.06
CA THR A 102 3.32 5.68 -8.65
C THR A 102 4.72 5.86 -9.23
N VAL A 103 5.74 5.51 -8.44
CA VAL A 103 7.11 5.55 -8.93
C VAL A 103 7.27 4.65 -10.15
N ALA A 104 6.73 3.42 -10.07
CA ALA A 104 6.86 2.49 -11.19
C ALA A 104 6.17 3.03 -12.45
N SER A 105 5.03 3.71 -12.27
CA SER A 105 4.27 4.23 -13.40
C SER A 105 4.98 5.41 -14.07
N ILE A 106 5.88 6.09 -13.37
CA ILE A 106 6.63 7.16 -14.01
C ILE A 106 7.69 6.59 -14.94
N SER A 107 8.27 5.42 -14.59
CA SER A 107 9.22 4.76 -15.48
C SER A 107 8.51 4.06 -16.66
N ARG A 108 7.34 3.47 -16.41
CA ARG A 108 6.61 2.69 -17.42
C ARG A 108 5.13 3.01 -17.37
N PRO A 109 4.74 4.22 -17.81
CA PRO A 109 3.31 4.57 -17.82
C PRO A 109 2.47 3.69 -18.73
N ASP A 110 3.08 3.06 -19.73
CA ASP A 110 2.35 2.17 -20.64
C ASP A 110 1.74 0.98 -19.89
N LEU A 111 2.37 0.55 -18.78
CA LEU A 111 1.94 -0.62 -18.04
C LEU A 111 0.72 -0.37 -17.16
N PHE A 112 0.31 0.88 -16.97
CA PHE A 112 -0.68 1.23 -15.94
C PHE A 112 -1.86 1.94 -16.59
N ALA A 113 -3.02 1.30 -16.61
CA ALA A 113 -4.22 1.96 -17.11
C ALA A 113 -4.78 2.94 -16.10
N LYS A 114 -4.61 2.66 -14.83
CA LYS A 114 -5.17 3.46 -13.76
C LYS A 114 -4.51 3.00 -12.47
N ILE A 115 -4.34 3.93 -11.54
CA ILE A 115 -3.83 3.66 -10.21
C ILE A 115 -4.92 3.97 -9.21
N ILE A 116 -5.21 3.01 -8.33
CA ILE A 116 -6.12 3.22 -7.21
C ILE A 116 -5.31 3.17 -5.93
N MET A 117 -5.30 4.28 -5.20
CA MET A 117 -4.54 4.41 -3.97
C MET A 117 -5.48 4.21 -2.79
N ILE A 118 -5.01 3.48 -1.79
CA ILE A 118 -5.77 3.27 -0.55
C ILE A 118 -4.83 3.58 0.62
N SER A 119 -5.23 4.53 1.46
CA SER A 119 -4.44 4.88 2.65
C SER A 119 -3.05 5.38 2.28
N ALA A 120 -2.97 6.18 1.21
CA ALA A 120 -1.72 6.67 0.65
C ALA A 120 -1.34 8.04 1.18
N SER A 121 -0.02 8.26 1.27
CA SER A 121 0.57 9.55 1.62
C SER A 121 1.92 9.71 0.94
N PRO A 122 2.19 10.87 0.33
CA PRO A 122 3.52 11.12 -0.23
C PRO A 122 4.51 11.61 0.81
N ARG A 123 4.06 12.00 2.01
CA ARG A 123 4.98 12.42 3.05
C ARG A 123 4.27 12.48 4.40
N TYR A 124 4.86 11.88 5.43
CA TYR A 124 4.21 11.83 6.75
C TYR A 124 4.69 12.93 7.66
N LEU A 125 5.92 13.34 7.51
CA LEU A 125 6.45 14.41 8.32
C LEU A 125 5.98 15.81 7.91
N ASN A 126 5.69 16.60 8.92
CA ASN A 126 5.27 17.94 8.77
C ASN A 126 6.37 18.89 8.23
N ASP A 127 5.96 20.03 7.70
CA ASP A 127 6.79 21.07 7.14
C ASP A 127 6.05 22.37 7.46
N SER A 128 6.75 23.49 7.64
CA SER A 128 6.05 24.75 7.91
C SER A 128 5.12 24.99 6.77
N ASN A 129 5.33 24.28 5.69
CA ASN A 129 4.53 24.37 4.49
C ASN A 129 3.61 23.15 4.06
N TYR A 130 3.64 22.07 4.83
CA TYR A 130 2.90 20.84 4.56
C TYR A 130 2.59 20.07 5.82
N PHE A 131 1.36 19.64 5.93
CA PHE A 131 0.89 18.84 7.06
C PHE A 131 0.77 17.33 6.71
N GLY A 132 1.70 16.53 7.15
CA GLY A 132 1.65 15.09 6.89
C GLY A 132 1.09 14.29 8.05
N GLY A 133 1.10 14.87 9.25
CA GLY A 133 0.56 14.23 10.45
C GLY A 133 1.57 13.96 11.54
N PHE A 134 2.86 14.04 11.27
CA PHE A 134 3.87 13.63 12.24
C PHE A 134 5.00 14.63 12.34
N GLU A 135 5.51 14.83 13.56
CA GLU A 135 6.79 15.50 13.76
C GLU A 135 7.88 14.45 13.98
N GLN A 136 9.14 14.88 13.84
CA GLN A 136 10.24 13.93 13.97
C GLN A 136 10.22 13.24 15.33
N GLU A 137 9.73 13.92 16.37
CA GLU A 137 9.66 13.30 17.69
C GLU A 137 8.68 12.14 17.72
N ASP A 138 7.61 12.21 16.99
CA ASP A 138 6.65 11.14 16.92
C ASP A 138 7.32 9.93 16.38
N LEU A 139 8.15 10.09 15.39
CA LEU A 139 8.87 8.99 14.79
C LEU A 139 9.90 8.39 15.74
N ASP A 140 10.68 9.24 16.35
CA ASP A 140 11.68 8.79 17.28
C ASP A 140 11.05 7.95 18.38
N GLN A 141 9.86 8.29 18.78
CA GLN A 141 9.20 7.57 19.81
C GLN A 141 8.78 6.20 19.28
N LEU A 142 8.13 6.17 18.13
CA LEU A 142 7.72 4.91 17.53
C LEU A 142 8.90 3.94 17.39
N PHE A 143 10.02 4.44 16.89
CA PHE A 143 11.18 3.58 16.62
C PHE A 143 11.88 3.14 17.90
N ASN A 144 11.88 3.99 18.93
CA ASN A 144 12.43 3.55 20.23
C ASN A 144 11.58 2.42 20.79
N ALA A 145 10.25 2.52 20.67
CA ALA A 145 9.38 1.45 21.12
C ALA A 145 9.62 0.15 20.34
N MET A 146 9.64 0.24 19.00
CA MET A 146 9.84 -0.97 18.20
C MET A 146 11.14 -1.67 18.55
N ALA A 147 12.21 -0.89 18.74
CA ALA A 147 13.53 -1.44 18.99
C ALA A 147 13.64 -2.05 20.37
N SER A 148 12.82 -1.62 21.32
CA SER A 148 12.95 -2.05 22.70
C SER A 148 12.06 -3.24 23.06
N ASN A 149 10.94 -3.43 22.38
CA ASN A 149 10.15 -4.65 22.61
C ASN A 149 9.22 -4.83 21.40
N TYR A 150 9.72 -5.52 20.39
CA TYR A 150 8.97 -5.64 19.14
C TYR A 150 7.64 -6.33 19.39
N LYS A 151 7.66 -7.45 20.12
CA LYS A 151 6.43 -8.17 20.38
C LYS A 151 5.41 -7.26 21.07
N ALA A 152 5.86 -6.50 22.06
CA ALA A 152 4.97 -5.59 22.76
C ALA A 152 4.52 -4.48 21.82
N TRP A 153 5.40 -4.01 20.95
CA TRP A 153 5.04 -2.93 20.05
C TRP A 153 3.94 -3.38 19.10
N CYS A 154 4.06 -4.60 18.54
CA CYS A 154 3.05 -5.14 17.65
C CYS A 154 1.68 -5.20 18.32
N SER A 155 1.63 -5.62 19.59
CA SER A 155 0.36 -5.75 20.27
C SER A 155 -0.32 -4.39 20.44
N GLY A 156 0.46 -3.35 20.71
CA GLY A 156 -0.13 -2.03 20.89
C GLY A 156 -0.35 -1.28 19.59
N PHE A 157 0.49 -1.54 18.58
CA PHE A 157 0.37 -0.84 17.30
C PHE A 157 -0.83 -1.34 16.51
N ALA A 158 -1.06 -2.66 16.51
CA ALA A 158 -2.11 -3.25 15.67
C ALA A 158 -3.48 -2.62 15.90
N PRO A 159 -3.98 -2.50 17.14
CA PRO A 159 -5.28 -1.85 17.32
C PRO A 159 -5.27 -0.40 16.85
N MET A 160 -4.14 0.28 16.96
CA MET A 160 -4.07 1.69 16.54
C MET A 160 -4.17 1.81 15.02
N ALA A 161 -3.42 0.99 14.30
CA ALA A 161 -3.45 1.05 12.84
C ALA A 161 -4.80 0.60 12.30
N ILE A 162 -5.39 -0.44 12.90
CA ILE A 162 -6.63 -1.02 12.38
C ILE A 162 -7.84 -0.16 12.76
N GLY A 163 -7.82 0.44 13.94
CA GLY A 163 -8.96 1.20 14.42
C GLY A 163 -10.08 0.28 14.91
N GLY A 164 -11.13 0.91 15.45
CA GLY A 164 -12.29 0.17 15.92
C GLY A 164 -11.99 -0.66 17.16
N ASP A 165 -12.86 -1.63 17.41
CA ASP A 165 -12.70 -2.46 18.60
C ASP A 165 -11.33 -3.16 18.62
N MET A 166 -10.64 -3.06 19.76
CA MET A 166 -9.26 -3.54 19.87
C MET A 166 -9.16 -5.07 19.90
N GLU A 167 -10.27 -5.78 20.04
CA GLU A 167 -10.27 -7.24 20.10
C GLU A 167 -10.90 -7.86 18.86
N SER A 168 -11.02 -7.06 17.78
CA SER A 168 -11.64 -7.50 16.55
C SER A 168 -10.77 -8.51 15.83
N VAL A 169 -11.39 -9.22 14.88
CA VAL A 169 -10.66 -10.22 14.10
C VAL A 169 -9.56 -9.55 13.30
N ALA A 170 -9.87 -8.44 12.63
CA ALA A 170 -8.88 -7.78 11.80
C ALA A 170 -7.66 -7.37 12.61
N VAL A 171 -7.85 -6.97 13.87
CA VAL A 171 -6.70 -6.60 14.71
C VAL A 171 -5.81 -7.81 14.97
N GLN A 172 -6.42 -8.95 15.32
CA GLN A 172 -5.68 -10.19 15.50
C GLN A 172 -4.90 -10.53 14.24
N GLU A 173 -5.56 -10.46 13.09
CA GLU A 173 -4.89 -10.80 11.85
C GLU A 173 -3.70 -9.89 11.59
N PHE A 174 -3.90 -8.57 11.72
CA PHE A 174 -2.81 -7.62 11.51
C PHE A 174 -1.72 -7.78 12.57
N SER A 175 -2.12 -7.97 13.83
CA SER A 175 -1.13 -8.25 14.88
C SER A 175 -0.22 -9.42 14.50
N ARG A 176 -0.78 -10.47 13.91
CA ARG A 176 0.00 -11.67 13.60
C ARG A 176 0.95 -11.42 12.44
N THR A 177 0.46 -10.86 11.34
CA THR A 177 1.40 -10.55 10.27
C THR A 177 2.45 -9.55 10.74
N LEU A 178 2.10 -8.62 11.63
CA LEU A 178 3.11 -7.67 12.12
C LEU A 178 4.27 -8.39 12.81
N PHE A 179 3.95 -9.31 13.72
CA PHE A 179 4.98 -10.03 14.47
C PHE A 179 5.70 -11.09 13.65
N ASN A 180 5.21 -11.42 12.45
CA ASN A 180 5.95 -12.37 11.63
C ASN A 180 7.13 -11.75 10.90
N MET A 181 7.29 -10.44 10.94
CA MET A 181 8.47 -9.82 10.35
C MET A 181 9.67 -9.96 11.28
N ARG A 182 10.85 -10.13 10.71
CA ARG A 182 12.07 -10.02 11.49
C ARG A 182 12.15 -8.59 12.06
N PRO A 183 12.33 -8.43 13.39
CA PRO A 183 12.18 -7.08 13.98
C PRO A 183 13.03 -6.00 13.33
N ASP A 184 14.26 -6.33 12.92
CA ASP A 184 15.14 -5.33 12.34
C ASP A 184 14.70 -4.94 10.94
N ILE A 185 14.09 -5.87 10.20
CA ILE A 185 13.51 -5.51 8.91
C ILE A 185 12.29 -4.63 9.10
N ALA A 186 11.38 -5.01 10.00
CA ALA A 186 10.22 -4.17 10.25
C ALA A 186 10.65 -2.77 10.65
N LEU A 187 11.63 -2.68 11.55
CA LEU A 187 12.12 -1.37 12.00
C LEU A 187 12.67 -0.56 10.84
N SER A 188 13.54 -1.17 10.04
CA SER A 188 14.12 -0.47 8.90
C SER A 188 13.04 0.01 7.93
N VAL A 189 12.10 -0.88 7.58
CA VAL A 189 11.13 -0.55 6.54
C VAL A 189 10.23 0.59 6.99
N LEU A 190 9.70 0.50 8.21
CA LEU A 190 8.82 1.56 8.70
C LEU A 190 9.56 2.90 8.78
N GLN A 191 10.84 2.87 9.11
CA GLN A 191 11.63 4.10 9.07
C GLN A 191 11.72 4.63 7.65
N THR A 192 12.03 3.76 6.70
CA THR A 192 12.08 4.19 5.31
C THR A 192 10.76 4.82 4.87
N ILE A 193 9.64 4.21 5.26
CA ILE A 193 8.34 4.76 4.87
C ILE A 193 8.12 6.12 5.50
N PHE A 194 8.38 6.22 6.82
CA PHE A 194 8.06 7.44 7.56
C PHE A 194 8.95 8.61 7.15
N LYS A 195 10.17 8.34 6.68
CA LYS A 195 11.08 9.39 6.25
C LYS A 195 10.91 9.78 4.80
N SER A 196 10.07 9.08 4.04
CA SER A 196 10.04 9.27 2.61
C SER A 196 9.38 10.60 2.25
N ASP A 197 9.64 11.05 1.02
CA ASP A 197 9.08 12.30 0.52
C ASP A 197 8.93 12.14 -0.99
N MET A 198 7.70 11.88 -1.43
CA MET A 198 7.40 11.66 -2.84
C MET A 198 6.73 12.86 -3.47
N ARG A 199 6.63 13.99 -2.76
CA ARG A 199 5.82 15.08 -3.26
C ARG A 199 6.29 15.52 -4.65
N GLN A 200 7.60 15.59 -4.86
CA GLN A 200 8.12 16.17 -6.09
C GLN A 200 7.85 15.33 -7.32
N ILE A 201 7.52 14.04 -7.16
CA ILE A 201 7.29 13.25 -8.37
C ILE A 201 5.82 13.21 -8.76
N LEU A 202 4.94 13.76 -7.93
CA LEU A 202 3.51 13.68 -8.22
C LEU A 202 3.15 14.39 -9.52
N CYS A 203 3.77 15.53 -9.80
CA CYS A 203 3.43 16.26 -11.01
C CYS A 203 3.83 15.51 -12.28
N LEU A 204 4.71 14.49 -12.17
CA LEU A 204 5.13 13.70 -13.32
C LEU A 204 4.20 12.51 -13.61
N VAL A 205 3.24 12.24 -12.72
CA VAL A 205 2.32 11.13 -12.93
C VAL A 205 1.46 11.38 -14.16
N SER A 206 1.41 10.40 -15.07
CA SER A 206 0.64 10.50 -16.30
C SER A 206 -0.46 9.45 -16.39
N VAL A 207 -0.77 8.78 -15.29
CA VAL A 207 -1.79 7.75 -15.22
C VAL A 207 -2.87 8.23 -14.27
N PRO A 208 -4.15 8.14 -14.62
CA PRO A 208 -5.18 8.65 -13.71
C PRO A 208 -5.18 7.92 -12.38
N CYS A 209 -5.43 8.67 -11.31
CA CYS A 209 -5.31 8.19 -9.94
C CYS A 209 -6.63 8.35 -9.22
N HIS A 210 -7.06 7.29 -8.55
CA HIS A 210 -8.21 7.35 -7.67
C HIS A 210 -7.68 7.23 -6.25
N ILE A 211 -8.00 8.20 -5.40
CA ILE A 211 -7.39 8.35 -4.09
C ILE A 211 -8.47 8.07 -3.06
N ILE A 212 -8.41 6.89 -2.43
CA ILE A 212 -9.40 6.42 -1.44
C ILE A 212 -8.75 6.33 -0.06
N GLN A 213 -9.44 6.83 0.96
CA GLN A 213 -8.96 6.63 2.33
C GLN A 213 -10.09 6.73 3.33
N SER A 214 -9.88 6.11 4.49
CA SER A 214 -10.76 6.30 5.63
C SER A 214 -10.69 7.75 6.09
N MET A 215 -11.83 8.27 6.57
CA MET A 215 -11.82 9.62 7.15
C MET A 215 -10.99 9.66 8.43
N LYS A 216 -10.92 8.54 9.16
CA LYS A 216 -10.09 8.47 10.37
C LYS A 216 -9.01 7.43 10.12
N ASP A 217 -7.82 7.93 9.76
CA ASP A 217 -6.68 7.07 9.44
C ASP A 217 -5.49 7.55 10.27
N LEU A 218 -4.96 6.67 11.13
CA LEU A 218 -3.92 7.14 12.05
C LEU A 218 -2.71 7.74 11.33
N ALA A 219 -2.44 7.34 10.09
CA ALA A 219 -1.23 7.79 9.40
C ALA A 219 -1.48 8.78 8.27
N VAL A 220 -2.74 9.05 7.92
CA VAL A 220 -3.06 9.86 6.74
C VAL A 220 -4.17 10.84 7.09
N PRO A 221 -3.85 12.08 7.47
CA PRO A 221 -4.89 13.09 7.61
C PRO A 221 -5.67 13.24 6.30
N VAL A 222 -6.94 13.63 6.42
CA VAL A 222 -7.77 13.77 5.23
C VAL A 222 -7.18 14.80 4.25
N VAL A 223 -6.45 15.81 4.76
CA VAL A 223 -5.89 16.82 3.84
C VAL A 223 -4.82 16.23 2.93
N VAL A 224 -4.22 15.11 3.29
CA VAL A 224 -3.24 14.47 2.39
C VAL A 224 -3.93 13.93 1.15
N ALA A 225 -5.17 13.44 1.27
CA ALA A 225 -5.90 13.00 0.08
C ALA A 225 -6.14 14.16 -0.87
N GLU A 226 -6.51 15.33 -0.33
CA GLU A 226 -6.64 16.53 -1.17
C GLU A 226 -5.30 16.93 -1.75
N TYR A 227 -4.23 16.79 -0.97
CA TYR A 227 -2.90 17.14 -1.47
C TYR A 227 -2.54 16.31 -2.70
N LEU A 228 -2.79 15.00 -2.62
CA LEU A 228 -2.46 14.12 -3.74
C LEU A 228 -3.31 14.45 -4.96
N HIS A 229 -4.58 14.80 -4.73
CA HIS A 229 -5.47 15.24 -5.79
C HIS A 229 -4.95 16.49 -6.47
N GLN A 230 -4.46 17.46 -5.68
CA GLN A 230 -4.01 18.70 -6.27
C GLN A 230 -2.71 18.54 -7.05
N HIS A 231 -1.80 17.69 -6.58
CA HIS A 231 -0.45 17.67 -7.13
C HIS A 231 -0.18 16.57 -8.14
N VAL A 232 -1.02 15.54 -8.22
CA VAL A 232 -0.87 14.52 -9.27
C VAL A 232 -0.97 15.18 -10.63
N GLY A 233 -0.02 14.87 -11.51
CA GLY A 233 0.05 15.57 -12.79
C GLY A 233 -0.95 15.17 -13.87
N THR A 234 -1.98 14.39 -13.54
CA THR A 234 -3.02 14.07 -14.52
C THR A 234 -4.37 14.05 -13.80
N GLU A 235 -5.38 13.52 -14.48
CA GLU A 235 -6.71 13.42 -13.86
C GLU A 235 -6.64 12.55 -12.61
N SER A 236 -7.42 12.95 -11.59
CA SER A 236 -7.49 12.22 -10.34
C SER A 236 -8.82 12.54 -9.67
N ILE A 237 -9.20 11.71 -8.70
CA ILE A 237 -10.42 11.91 -7.94
C ILE A 237 -10.19 11.37 -6.53
N VAL A 238 -10.88 11.99 -5.56
CA VAL A 238 -10.75 11.65 -4.15
C VAL A 238 -12.07 11.01 -3.69
N GLU A 239 -11.95 10.00 -2.83
CA GLU A 239 -13.11 9.45 -2.12
C GLU A 239 -12.68 9.18 -0.69
N VAL A 240 -13.10 10.05 0.22
CA VAL A 240 -12.90 9.81 1.65
C VAL A 240 -14.11 9.04 2.15
N MET A 241 -13.85 7.88 2.76
CA MET A 241 -14.90 6.99 3.20
C MET A 241 -15.26 7.26 4.66
N SER A 242 -16.50 6.93 5.01
CA SER A 242 -16.94 7.00 6.40
C SER A 242 -16.56 5.72 7.13
N THR A 243 -15.24 5.53 7.24
CA THR A 243 -14.68 4.39 7.94
C THR A 243 -13.49 4.86 8.74
N GLU A 244 -13.10 4.06 9.72
CA GLU A 244 -11.89 4.29 10.47
C GLU A 244 -10.92 3.16 10.18
N GLY A 245 -9.63 3.49 10.11
CA GLY A 245 -8.63 2.47 9.98
C GLY A 245 -7.75 2.61 8.75
N HIS A 246 -6.50 2.19 8.89
CA HIS A 246 -5.53 2.22 7.81
C HIS A 246 -5.68 1.04 6.84
N LEU A 247 -6.28 -0.07 7.26
CA LEU A 247 -6.54 -1.21 6.38
C LEU A 247 -8.04 -1.46 6.25
N PRO A 248 -8.78 -0.49 5.70
CA PRO A 248 -10.25 -0.59 5.67
C PRO A 248 -10.77 -1.70 4.80
N GLN A 249 -10.01 -2.12 3.77
CA GLN A 249 -10.46 -3.24 2.97
C GLN A 249 -10.46 -4.54 3.77
N LEU A 250 -9.79 -4.56 4.92
CA LEU A 250 -9.74 -5.71 5.81
C LEU A 250 -10.69 -5.60 6.99
N SER A 251 -10.79 -4.41 7.60
CA SER A 251 -11.58 -4.22 8.82
C SER A 251 -13.02 -3.82 8.55
N SER A 252 -13.33 -3.20 7.40
CA SER A 252 -14.71 -2.84 7.06
C SER A 252 -15.03 -3.20 5.62
N PRO A 253 -14.91 -4.48 5.27
CA PRO A 253 -15.11 -4.86 3.86
C PRO A 253 -16.53 -4.62 3.35
N ASP A 254 -17.55 -4.77 4.21
CA ASP A 254 -18.91 -4.50 3.77
C ASP A 254 -19.03 -3.09 3.17
N VAL A 255 -18.37 -2.11 3.79
CA VAL A 255 -18.42 -0.73 3.31
C VAL A 255 -17.41 -0.47 2.21
N VAL A 256 -16.18 -0.99 2.38
CA VAL A 256 -15.05 -0.54 1.56
C VAL A 256 -15.00 -1.28 0.22
N ILE A 257 -15.34 -2.57 0.20
CA ILE A 257 -15.25 -3.32 -1.06
C ILE A 257 -16.06 -2.66 -2.16
N PRO A 258 -17.33 -2.25 -1.94
CA PRO A 258 -18.07 -1.60 -3.03
C PRO A 258 -17.39 -0.34 -3.52
N VAL A 259 -16.73 0.42 -2.65
CA VAL A 259 -16.05 1.62 -3.09
C VAL A 259 -14.92 1.28 -4.04
N ILE A 260 -14.10 0.30 -3.69
CA ILE A 260 -12.99 -0.07 -4.56
C ILE A 260 -13.50 -0.58 -5.90
N LEU A 261 -14.55 -1.41 -5.87
CA LEU A 261 -15.14 -1.92 -7.10
C LEU A 261 -15.66 -0.80 -7.98
N LYS A 262 -16.29 0.21 -7.38
CA LYS A 262 -16.75 1.37 -8.13
C LYS A 262 -15.60 2.04 -8.88
N HIS A 263 -14.47 2.24 -8.21
CA HIS A 263 -13.34 2.91 -8.84
C HIS A 263 -12.59 2.01 -9.82
N ILE A 264 -12.68 0.69 -9.66
CA ILE A 264 -12.17 -0.21 -10.69
C ILE A 264 -13.03 -0.11 -11.96
N ARG A 265 -14.36 -0.05 -11.81
CA ARG A 265 -15.27 -0.11 -12.95
C ARG A 265 -15.39 1.23 -13.69
N TYR A 266 -15.51 2.34 -12.95
CA TYR A 266 -15.70 3.65 -13.57
C TYR A 266 -14.37 4.38 -13.72
N ASP A 267 -14.31 5.24 -14.74
CA ASP A 267 -13.11 6.01 -15.04
C ASP A 267 -13.36 7.50 -14.83
N ILE A 268 -12.28 8.24 -14.57
CA ILE A 268 -12.39 9.67 -14.34
C ILE A 268 -12.45 10.43 -15.66
N VAL A 269 -13.34 11.41 -15.74
CA VAL A 269 -13.50 12.21 -16.95
C VAL A 269 -12.18 12.90 -17.33
N ALA A 270 -11.70 12.59 -18.53
CA ALA A 270 -10.45 13.17 -19.02
C ALA A 270 -10.50 14.70 -18.97
C01 VTY B . 0.39 -0.30 6.10
C02 VTY B . 1.19 1.05 6.03
C03 VTY B . 1.68 1.92 7.08
C04 VTY B . 1.93 3.23 6.45
C06 VTY B . 2.01 1.54 4.91
O05 VTY B . 2.41 2.87 5.16
O07 VTY B . 2.42 0.92 4.04
O08 VTY B . 2.70 4.12 7.06
H012 VTY B . 0.67 -0.82 6.85
H013 VTY B . 0.53 -0.82 5.30
H011 VTY B . -0.56 -0.16 6.18
H031 VTY B . 1.55 1.79 7.99
H041 VTY B . 1.09 3.65 6.35
H081 VTY B . 2.24 4.80 7.22
#